data_2EFZ
#
_entry.id   2EFZ
#
_entity_poly.entity_id   1
_entity_poly.type   'polypeptide(L)'
_entity_poly.pdbx_seq_one_letter_code
;VCCPFGGCHELCYCCD
;
_entity_poly.pdbx_strand_id   A
#
# COMPACT_ATOMS: atom_id res chain seq x y z
N VAL A 1 5.15 -5.49 -5.92
CA VAL A 1 3.71 -5.39 -6.06
C VAL A 1 3.22 -4.19 -5.27
N CYS A 2 1.95 -3.83 -5.44
CA CYS A 2 1.35 -2.74 -4.67
C CYS A 2 1.05 -3.20 -3.25
N CYS A 3 0.80 -2.27 -2.32
CA CYS A 3 0.37 -2.63 -0.99
C CYS A 3 -1.16 -2.67 -1.00
N PRO A 4 -1.81 -3.81 -0.73
CA PRO A 4 -3.26 -3.94 -0.82
C PRO A 4 -3.96 -3.05 0.20
N PHE A 5 -5.28 -2.85 0.08
CA PHE A 5 -6.10 -2.17 1.10
C PHE A 5 -5.66 -2.58 2.51
N GLY A 6 -5.64 -3.89 2.79
CA GLY A 6 -5.15 -4.43 4.05
C GLY A 6 -3.62 -4.48 4.05
N GLY A 7 -2.98 -3.32 3.90
CA GLY A 7 -1.53 -3.25 3.80
C GLY A 7 -1.03 -1.81 3.70
N CYS A 8 -1.61 -1.02 2.80
CA CYS A 8 -1.15 0.35 2.53
C CYS A 8 -1.12 1.19 3.81
N HIS A 9 0.02 1.85 4.04
CA HIS A 9 0.20 2.93 4.98
C HIS A 9 1.02 3.98 4.22
N GLU A 10 1.26 5.14 4.82
CA GLU A 10 1.99 6.26 4.22
C GLU A 10 3.33 5.82 3.62
N LEU A 11 3.96 4.84 4.26
CA LEU A 11 5.23 4.27 3.87
C LEU A 11 5.25 3.78 2.43
N CYS A 12 4.11 3.28 1.93
CA CYS A 12 4.04 2.54 0.69
C CYS A 12 3.51 3.41 -0.45
N TYR A 13 4.42 3.83 -1.34
CA TYR A 13 4.16 4.72 -2.45
C TYR A 13 2.97 4.26 -3.30
N CYS A 14 2.93 2.98 -3.69
CA CYS A 14 1.95 2.50 -4.67
C CYS A 14 0.52 2.60 -4.13
N CYS A 15 0.26 1.96 -2.99
CA CYS A 15 -0.97 2.04 -2.23
C CYS A 15 -2.24 1.71 -3.02
N ASP A 16 -2.69 0.45 -2.95
CA ASP A 16 -3.95 0.00 -3.51
C ASP A 16 -5.11 0.90 -3.08
N VAL A 1 6.08 -5.42 -5.37
CA VAL A 1 4.68 -5.28 -5.73
C VAL A 1 4.08 -4.14 -4.91
N CYS A 2 2.85 -3.74 -5.23
CA CYS A 2 2.12 -2.74 -4.47
C CYS A 2 1.69 -3.33 -3.13
N CYS A 3 1.27 -2.49 -2.18
CA CYS A 3 0.52 -3.02 -1.05
C CYS A 3 -0.95 -3.04 -1.47
N PRO A 4 -1.71 -4.10 -1.17
CA PRO A 4 -3.15 -4.12 -1.39
C PRO A 4 -3.80 -3.09 -0.48
N PHE A 5 -5.00 -2.61 -0.83
CA PHE A 5 -5.75 -1.67 -0.04
C PHE A 5 -5.87 -2.15 1.41
N GLY A 6 -6.23 -3.42 1.60
CA GLY A 6 -6.18 -4.08 2.89
C GLY A 6 -4.74 -4.43 3.27
N GLY A 7 -3.90 -3.42 3.46
CA GLY A 7 -2.49 -3.59 3.79
C GLY A 7 -1.73 -2.27 3.77
N CYS A 8 -2.00 -1.44 2.75
CA CYS A 8 -1.34 -0.16 2.54
C CYS A 8 -1.33 0.69 3.82
N HIS A 9 -0.17 1.25 4.15
CA HIS A 9 -0.02 2.36 5.05
C HIS A 9 0.81 3.37 4.24
N GLU A 10 0.98 4.58 4.75
CA GLU A 10 1.63 5.69 4.04
C GLU A 10 3.01 5.31 3.49
N LEU A 11 3.73 4.44 4.21
CA LEU A 11 5.06 4.01 3.84
C LEU A 11 5.06 3.32 2.47
N CYS A 12 3.99 2.58 2.17
CA CYS A 12 3.97 1.68 1.03
C CYS A 12 3.48 2.43 -0.20
N TYR A 13 4.33 3.38 -0.64
CA TYR A 13 4.09 4.47 -1.57
C TYR A 13 3.07 4.14 -2.66
N CYS A 14 3.26 2.97 -3.27
CA CYS A 14 2.43 2.50 -4.37
C CYS A 14 0.95 2.48 -4.00
N CYS A 15 0.63 1.83 -2.88
CA CYS A 15 -0.66 1.85 -2.20
C CYS A 15 -1.89 1.63 -3.10
N ASP A 16 -2.33 0.38 -3.26
CA ASP A 16 -3.60 0.09 -3.92
C ASP A 16 -4.74 0.85 -3.26
N VAL A 1 5.03 -5.42 -5.86
CA VAL A 1 3.58 -5.34 -6.01
C VAL A 1 3.08 -4.11 -5.26
N CYS A 2 1.81 -3.74 -5.46
CA CYS A 2 1.20 -2.64 -4.73
C CYS A 2 0.86 -3.09 -3.30
N CYS A 3 0.59 -2.15 -2.40
CA CYS A 3 0.16 -2.49 -1.05
C CYS A 3 -1.36 -2.61 -1.06
N PRO A 4 -1.95 -3.75 -0.70
CA PRO A 4 -3.41 -3.92 -0.70
C PRO A 4 -4.05 -2.99 0.33
N PHE A 5 -5.38 -2.86 0.30
CA PHE A 5 -6.12 -2.02 1.25
C PHE A 5 -5.70 -2.35 2.69
N GLY A 6 -5.74 -3.64 3.04
CA GLY A 6 -5.22 -4.12 4.30
C GLY A 6 -3.71 -4.24 4.24
N GLY A 7 -3.02 -3.12 4.03
CA GLY A 7 -1.57 -3.08 3.87
C GLY A 7 -1.05 -1.66 3.67
N CYS A 8 -1.75 -0.86 2.86
CA CYS A 8 -1.32 0.50 2.56
C CYS A 8 -1.25 1.35 3.83
N HIS A 9 -0.20 2.14 3.93
CA HIS A 9 -0.01 3.21 4.90
C HIS A 9 0.80 4.28 4.18
N GLU A 10 1.08 5.37 4.88
CA GLU A 10 1.88 6.48 4.40
C GLU A 10 3.26 6.01 3.92
N LEU A 11 3.76 4.92 4.49
CA LEU A 11 5.04 4.34 4.12
C LEU A 11 5.04 3.87 2.65
N CYS A 12 3.88 3.40 2.16
CA CYS A 12 3.81 2.70 0.89
C CYS A 12 3.34 3.60 -0.23
N TYR A 13 4.24 3.91 -1.17
CA TYR A 13 4.03 4.80 -2.29
C TYR A 13 2.85 4.35 -3.16
N CYS A 14 2.79 3.06 -3.50
CA CYS A 14 1.84 2.58 -4.51
C CYS A 14 0.40 2.67 -4.03
N CYS A 15 0.10 1.99 -2.92
CA CYS A 15 -1.17 2.06 -2.18
C CYS A 15 -2.40 1.74 -3.04
N ASP A 16 -2.82 0.48 -3.09
CA ASP A 16 -3.97 0.04 -3.85
C ASP A 16 -5.23 0.81 -3.42
N VAL A 1 6.18 -5.32 -5.33
CA VAL A 1 4.77 -5.25 -5.66
C VAL A 1 4.15 -4.09 -4.88
N CYS A 2 2.90 -3.74 -5.22
CA CYS A 2 2.15 -2.74 -4.47
C CYS A 2 1.70 -3.33 -3.13
N CYS A 3 1.26 -2.49 -2.20
CA CYS A 3 0.48 -3.01 -1.08
C CYS A 3 -0.98 -3.02 -1.50
N PRO A 4 -1.75 -4.08 -1.18
CA PRO A 4 -3.19 -4.07 -1.37
C PRO A 4 -3.81 -3.01 -0.47
N PHE A 5 -5.01 -2.51 -0.81
CA PHE A 5 -5.74 -1.55 -0.02
C PHE A 5 -5.83 -2.01 1.44
N GLY A 6 -6.20 -3.27 1.65
CA GLY A 6 -6.13 -3.91 2.96
C GLY A 6 -4.68 -4.26 3.32
N GLY A 7 -3.83 -3.25 3.47
CA GLY A 7 -2.42 -3.43 3.79
C GLY A 7 -1.66 -2.11 3.71
N CYS A 8 -1.96 -1.30 2.69
CA CYS A 8 -1.31 -0.02 2.45
C CYS A 8 -1.28 0.85 3.70
N HIS A 9 -0.11 1.44 3.98
CA HIS A 9 0.05 2.58 4.85
C HIS A 9 0.78 3.60 3.97
N GLU A 10 0.95 4.84 4.42
CA GLU A 10 1.62 5.88 3.66
C GLU A 10 3.04 5.46 3.26
N LEU A 11 3.67 4.61 4.06
CA LEU A 11 4.98 4.06 3.80
C LEU A 11 4.99 3.32 2.45
N CYS A 12 3.92 2.58 2.16
CA CYS A 12 3.90 1.68 1.02
C CYS A 12 3.43 2.42 -0.22
N TYR A 13 4.29 3.36 -0.64
CA TYR A 13 4.08 4.45 -1.59
C TYR A 13 3.07 4.14 -2.69
N CYS A 14 3.27 2.97 -3.29
CA CYS A 14 2.46 2.48 -4.41
C CYS A 14 0.96 2.48 -4.07
N CYS A 15 0.62 1.83 -2.95
CA CYS A 15 -0.67 1.87 -2.29
C CYS A 15 -1.89 1.63 -3.21
N ASP A 16 -2.34 0.39 -3.34
CA ASP A 16 -3.62 0.09 -3.98
C ASP A 16 -4.76 0.89 -3.33
N VAL A 1 5.74 -5.26 -5.28
CA VAL A 1 4.32 -5.13 -5.55
C VAL A 1 3.75 -3.99 -4.71
N CYS A 2 2.50 -3.60 -4.96
CA CYS A 2 1.80 -2.60 -4.16
C CYS A 2 1.43 -3.21 -2.81
N CYS A 3 1.08 -2.38 -1.82
CA CYS A 3 0.39 -2.92 -0.65
C CYS A 3 -1.09 -2.91 -0.96
N PRO A 4 -1.83 -4.01 -0.70
CA PRO A 4 -3.27 -4.06 -0.91
C PRO A 4 -3.98 -3.07 0.02
N PHE A 5 -5.23 -2.70 -0.28
CA PHE A 5 -6.04 -1.87 0.62
C PHE A 5 -5.92 -2.35 2.06
N GLY A 6 -6.12 -3.65 2.29
CA GLY A 6 -5.92 -4.27 3.59
C GLY A 6 -4.43 -4.50 3.85
N GLY A 7 -3.65 -3.42 3.90
CA GLY A 7 -2.20 -3.51 4.08
C GLY A 7 -1.55 -2.12 4.03
N CYS A 8 -1.94 -1.30 3.06
CA CYS A 8 -1.36 0.01 2.84
C CYS A 8 -1.32 0.85 4.11
N HIS A 9 -0.15 1.43 4.40
CA HIS A 9 0.02 2.55 5.29
C HIS A 9 0.83 3.56 4.46
N GLU A 10 1.01 4.78 4.97
CA GLU A 10 1.65 5.87 4.23
C GLU A 10 3.03 5.48 3.69
N LEU A 11 3.74 4.62 4.41
CA LEU A 11 5.07 4.16 4.03
C LEU A 11 5.02 3.49 2.65
N CYS A 12 3.96 2.72 2.40
CA CYS A 12 3.88 1.84 1.24
C CYS A 12 3.32 2.61 0.04
N TYR A 13 4.15 3.56 -0.42
CA TYR A 13 3.88 4.64 -1.36
C TYR A 13 2.84 4.30 -2.41
N CYS A 14 3.01 3.12 -3.00
CA CYS A 14 2.16 2.63 -4.09
C CYS A 14 0.68 2.63 -3.69
N CYS A 15 0.39 1.99 -2.55
CA CYS A 15 -0.89 1.99 -1.86
C CYS A 15 -2.12 1.68 -2.73
N ASP A 16 -2.52 0.42 -2.81
CA ASP A 16 -3.77 0.00 -3.44
C ASP A 16 -4.97 0.67 -2.76
N VAL A 1 5.15 -5.57 -5.52
CA VAL A 1 3.74 -5.42 -5.79
C VAL A 1 3.23 -4.16 -5.09
N CYS A 2 2.01 -3.73 -5.40
CA CYS A 2 1.37 -2.62 -4.71
C CYS A 2 0.93 -3.07 -3.32
N CYS A 3 0.61 -2.13 -2.43
CA CYS A 3 0.12 -2.47 -1.11
C CYS A 3 -1.41 -2.56 -1.16
N PRO A 4 -2.03 -3.67 -0.73
CA PRO A 4 -3.47 -3.81 -0.69
C PRO A 4 -4.06 -2.91 0.40
N PHE A 5 -5.40 -2.84 0.47
CA PHE A 5 -6.11 -2.10 1.50
C PHE A 5 -5.58 -2.50 2.89
N GLY A 6 -5.55 -3.81 3.16
CA GLY A 6 -4.97 -4.36 4.38
C GLY A 6 -3.45 -4.39 4.28
N GLY A 7 -2.82 -3.24 4.08
CA GLY A 7 -1.37 -3.14 3.95
C GLY A 7 -0.92 -1.69 3.83
N CYS A 8 -1.56 -0.92 2.94
CA CYS A 8 -1.18 0.44 2.65
C CYS A 8 -1.18 1.32 3.90
N HIS A 9 -0.06 2.01 4.12
CA HIS A 9 0.10 3.13 5.02
C HIS A 9 0.86 4.18 4.21
N GLU A 10 1.08 5.37 4.77
CA GLU A 10 1.75 6.46 4.07
C GLU A 10 3.13 6.05 3.54
N LEU A 11 3.77 5.12 4.25
CA LEU A 11 5.07 4.57 3.89
C LEU A 11 5.03 4.00 2.45
N CYS A 12 3.92 3.35 2.09
CA CYS A 12 3.83 2.59 0.86
C CYS A 12 3.23 3.44 -0.27
N TYR A 13 4.10 4.05 -1.06
CA TYR A 13 3.79 4.94 -2.15
C TYR A 13 2.68 4.43 -3.07
N CYS A 14 2.73 3.15 -3.45
CA CYS A 14 1.85 2.61 -4.48
C CYS A 14 0.38 2.62 -4.04
N CYS A 15 0.08 1.95 -2.94
CA CYS A 15 -1.21 2.00 -2.24
C CYS A 15 -2.42 1.73 -3.15
N ASP A 16 -2.71 0.45 -3.40
CA ASP A 16 -3.71 -0.09 -4.32
C ASP A 16 -4.37 0.96 -5.23
N VAL A 1 5.69 -5.09 -5.68
CA VAL A 1 4.25 -5.16 -5.84
C VAL A 1 3.62 -3.97 -5.11
N CYS A 2 2.32 -3.73 -5.34
CA CYS A 2 1.57 -2.74 -4.58
C CYS A 2 1.30 -3.27 -3.18
N CYS A 3 0.88 -2.42 -2.24
CA CYS A 3 0.32 -2.91 -1.00
C CYS A 3 -1.19 -2.98 -1.18
N PRO A 4 -1.85 -4.06 -0.74
CA PRO A 4 -3.30 -4.15 -0.74
C PRO A 4 -3.88 -3.10 0.23
N PHE A 5 -5.15 -2.73 0.09
CA PHE A 5 -5.81 -1.84 1.03
C PHE A 5 -5.57 -2.31 2.47
N GLY A 6 -5.74 -3.61 2.73
CA GLY A 6 -5.39 -4.22 3.99
C GLY A 6 -3.88 -4.41 4.12
N GLY A 7 -3.12 -3.32 4.12
CA GLY A 7 -1.67 -3.36 4.17
C GLY A 7 -1.06 -1.98 3.97
N CYS A 8 -1.59 -1.23 3.00
CA CYS A 8 -1.11 0.10 2.63
C CYS A 8 -1.01 1.02 3.84
N HIS A 9 0.11 1.72 3.95
CA HIS A 9 0.29 2.89 4.78
C HIS A 9 0.88 3.93 3.83
N GLU A 10 1.09 5.17 4.28
CA GLU A 10 1.65 6.24 3.47
C GLU A 10 3.00 5.86 2.87
N LEU A 11 3.76 5.01 3.57
CA LEU A 11 5.02 4.47 3.13
C LEU A 11 4.89 3.78 1.77
N CYS A 12 3.80 3.04 1.57
CA CYS A 12 3.66 2.12 0.44
C CYS A 12 2.91 2.80 -0.70
N TYR A 13 3.57 3.79 -1.29
CA TYR A 13 3.10 4.78 -2.22
C TYR A 13 2.04 4.27 -3.20
N CYS A 14 2.29 3.10 -3.77
CA CYS A 14 1.41 2.48 -4.76
C CYS A 14 -0.03 2.36 -4.25
N CYS A 15 -0.18 1.77 -3.07
CA CYS A 15 -1.39 1.75 -2.26
C CYS A 15 -2.67 1.39 -3.03
N ASP A 16 -2.96 0.09 -3.18
CA ASP A 16 -4.17 -0.48 -3.78
C ASP A 16 -5.43 0.35 -3.52
N VAL A 1 5.05 -5.50 -5.81
CA VAL A 1 3.60 -5.48 -5.92
C VAL A 1 3.09 -4.20 -5.24
N CYS A 2 1.81 -3.86 -5.47
CA CYS A 2 1.18 -2.74 -4.78
C CYS A 2 0.78 -3.17 -3.38
N CYS A 3 0.46 -2.20 -2.50
CA CYS A 3 0.01 -2.52 -1.17
C CYS A 3 -1.52 -2.55 -1.16
N PRO A 4 -2.17 -3.65 -0.76
CA PRO A 4 -3.61 -3.75 -0.71
C PRO A 4 -4.17 -2.82 0.36
N PHE A 5 -5.50 -2.68 0.43
CA PHE A 5 -6.17 -1.87 1.44
C PHE A 5 -5.69 -2.25 2.84
N GLY A 6 -5.72 -3.55 3.15
CA GLY A 6 -5.16 -4.10 4.37
C GLY A 6 -3.64 -4.23 4.26
N GLY A 7 -2.95 -3.11 4.03
CA GLY A 7 -1.51 -3.09 3.87
C GLY A 7 -0.98 -1.66 3.72
N CYS A 8 -1.63 -0.87 2.86
CA CYS A 8 -1.18 0.48 2.54
C CYS A 8 -1.14 1.36 3.80
N HIS A 9 0.04 1.94 4.07
CA HIS A 9 0.25 3.03 4.99
C HIS A 9 1.02 4.07 4.18
N GLU A 10 1.28 5.24 4.76
CA GLU A 10 2.01 6.33 4.10
C GLU A 10 3.34 5.88 3.51
N LEU A 11 3.99 4.89 4.12
CA LEU A 11 5.25 4.33 3.70
C LEU A 11 5.17 3.79 2.26
N CYS A 12 4.03 3.24 1.87
CA CYS A 12 3.88 2.50 0.64
C CYS A 12 3.27 3.37 -0.46
N TYR A 13 4.12 3.88 -1.34
CA TYR A 13 3.79 4.81 -2.40
C TYR A 13 2.67 4.29 -3.30
N CYS A 14 2.68 3.01 -3.66
CA CYS A 14 1.76 2.48 -4.67
C CYS A 14 0.30 2.53 -4.19
N CYS A 15 0.01 1.88 -3.07
CA CYS A 15 -1.24 1.99 -2.32
C CYS A 15 -2.49 1.74 -3.18
N ASP A 16 -2.84 0.46 -3.36
CA ASP A 16 -3.88 -0.01 -4.28
C ASP A 16 -5.18 0.80 -4.18
N VAL A 1 6.08 -5.29 -5.45
CA VAL A 1 4.65 -5.24 -5.72
C VAL A 1 4.06 -4.04 -4.95
N CYS A 2 2.80 -3.71 -5.24
CA CYS A 2 2.07 -2.69 -4.49
C CYS A 2 1.67 -3.26 -3.13
N CYS A 3 1.26 -2.42 -2.19
CA CYS A 3 0.53 -2.92 -1.04
C CYS A 3 -0.94 -2.95 -1.43
N PRO A 4 -1.69 -4.04 -1.14
CA PRO A 4 -3.12 -4.09 -1.36
C PRO A 4 -3.81 -3.09 -0.44
N PHE A 5 -5.03 -2.68 -0.79
CA PHE A 5 -5.84 -1.77 0.02
C PHE A 5 -5.88 -2.22 1.48
N GLY A 6 -6.18 -3.52 1.69
CA GLY A 6 -6.07 -4.14 3.00
C GLY A 6 -4.60 -4.44 3.33
N GLY A 7 -3.78 -3.40 3.45
CA GLY A 7 -2.35 -3.53 3.71
C GLY A 7 -1.64 -2.17 3.68
N CYS A 8 -1.97 -1.34 2.70
CA CYS A 8 -1.33 -0.04 2.49
C CYS A 8 -1.33 0.79 3.77
N HIS A 9 -0.16 1.36 4.09
CA HIS A 9 0.01 2.47 5.00
C HIS A 9 0.82 3.49 4.19
N GLU A 10 0.97 4.71 4.71
CA GLU A 10 1.56 5.82 3.98
C GLU A 10 2.97 5.54 3.47
N LEU A 11 3.70 4.63 4.11
CA LEU A 11 5.04 4.25 3.73
C LEU A 11 5.05 3.57 2.35
N CYS A 12 4.00 2.80 2.06
CA CYS A 12 3.98 1.89 0.93
C CYS A 12 3.53 2.63 -0.33
N TYR A 13 4.42 3.50 -0.81
CA TYR A 13 4.26 4.55 -1.81
C TYR A 13 3.20 4.23 -2.86
N CYS A 14 3.29 3.02 -3.40
CA CYS A 14 2.41 2.54 -4.46
C CYS A 14 0.94 2.58 -4.05
N CYS A 15 0.63 1.92 -2.92
CA CYS A 15 -0.66 1.96 -2.24
C CYS A 15 -1.89 1.70 -3.11
N ASP A 16 -2.34 0.44 -3.22
CA ASP A 16 -3.62 0.14 -3.85
C ASP A 16 -4.75 0.91 -3.19
N VAL A 1 6.08 -5.32 -5.34
CA VAL A 1 4.65 -5.30 -5.59
C VAL A 1 4.04 -4.12 -4.81
N CYS A 2 2.78 -3.81 -5.10
CA CYS A 2 2.04 -2.79 -4.35
C CYS A 2 1.65 -3.36 -2.99
N CYS A 3 1.23 -2.51 -2.06
CA CYS A 3 0.49 -3.00 -0.90
C CYS A 3 -0.98 -3.01 -1.28
N PRO A 4 -1.74 -4.08 -0.95
CA PRO A 4 -3.17 -4.15 -1.23
C PRO A 4 -3.91 -3.14 -0.35
N PHE A 5 -5.14 -2.79 -0.73
CA PHE A 5 -5.97 -1.85 -0.01
C PHE A 5 -6.02 -2.20 1.48
N GLY A 6 -6.35 -3.46 1.78
CA GLY A 6 -6.28 -3.99 3.14
C GLY A 6 -4.84 -4.32 3.50
N GLY A 7 -3.96 -3.31 3.52
CA GLY A 7 -2.55 -3.50 3.81
C GLY A 7 -1.77 -2.18 3.77
N CYS A 8 -2.05 -1.33 2.78
CA CYS A 8 -1.34 -0.08 2.57
C CYS A 8 -1.21 0.75 3.85
N HIS A 9 -0.02 1.30 4.08
CA HIS A 9 0.23 2.41 4.97
C HIS A 9 0.94 3.44 4.10
N GLU A 10 1.09 4.68 4.55
CA GLU A 10 1.66 5.77 3.78
C GLU A 10 3.09 5.47 3.31
N LEU A 11 3.79 4.57 4.02
CA LEU A 11 5.12 4.14 3.67
C LEU A 11 5.13 3.42 2.32
N CYS A 12 4.08 2.63 2.06
CA CYS A 12 4.04 1.70 0.94
C CYS A 12 3.52 2.43 -0.30
N TYR A 13 4.35 3.36 -0.77
CA TYR A 13 4.09 4.45 -1.71
C TYR A 13 3.05 4.10 -2.77
N CYS A 14 3.22 2.92 -3.36
CA CYS A 14 2.36 2.42 -4.43
C CYS A 14 0.88 2.43 -4.01
N CYS A 15 0.60 1.81 -2.86
CA CYS A 15 -0.67 1.88 -2.14
C CYS A 15 -1.93 1.64 -2.98
N ASP A 16 -2.38 0.39 -3.11
CA ASP A 16 -3.72 0.12 -3.63
C ASP A 16 -4.77 0.80 -2.74
N VAL A 1 5.65 -5.70 -5.40
CA VAL A 1 4.23 -5.46 -5.64
C VAL A 1 3.78 -4.28 -4.77
N CYS A 2 2.59 -3.74 -5.03
CA CYS A 2 2.01 -2.69 -4.20
C CYS A 2 1.44 -3.30 -2.92
N CYS A 3 1.11 -2.47 -1.92
CA CYS A 3 0.60 -2.96 -0.64
C CYS A 3 -0.92 -2.91 -0.75
N PRO A 4 -1.63 -4.00 -0.42
CA PRO A 4 -3.07 -4.12 -0.65
C PRO A 4 -3.83 -3.12 0.23
N PHE A 5 -5.06 -2.75 -0.16
CA PHE A 5 -5.96 -1.96 0.68
C PHE A 5 -5.95 -2.46 2.13
N GLY A 6 -6.09 -3.78 2.32
CA GLY A 6 -5.93 -4.40 3.63
C GLY A 6 -4.46 -4.50 4.01
N GLY A 7 -3.78 -3.36 4.18
CA GLY A 7 -2.36 -3.34 4.52
C GLY A 7 -1.78 -1.93 4.42
N CYS A 8 -2.08 -1.22 3.33
CA CYS A 8 -1.54 0.10 3.03
C CYS A 8 -1.63 1.05 4.22
N HIS A 9 -0.51 1.69 4.57
CA HIS A 9 -0.41 2.81 5.49
C HIS A 9 0.39 3.88 4.74
N GLU A 10 0.70 5.00 5.38
CA GLU A 10 1.45 6.12 4.81
C GLU A 10 2.73 5.70 4.09
N LEU A 11 3.43 4.68 4.61
CA LEU A 11 4.68 4.20 4.06
C LEU A 11 4.51 3.68 2.63
N CYS A 12 3.31 3.19 2.30
CA CYS A 12 3.06 2.54 1.03
C CYS A 12 2.92 3.57 -0.10
N TYR A 13 4.01 3.80 -0.84
CA TYR A 13 4.09 4.81 -1.89
C TYR A 13 2.90 4.75 -2.86
N CYS A 14 2.62 3.57 -3.37
CA CYS A 14 1.64 3.35 -4.43
C CYS A 14 0.22 3.16 -3.85
N CYS A 15 0.13 2.32 -2.83
CA CYS A 15 -1.05 2.02 -2.02
C CYS A 15 -2.26 1.53 -2.82
N ASP A 16 -2.42 0.21 -2.97
CA ASP A 16 -3.70 -0.37 -3.36
C ASP A 16 -4.68 -0.28 -2.19
N VAL A 1 5.82 -5.72 -5.77
CA VAL A 1 4.38 -5.56 -5.86
C VAL A 1 3.97 -4.33 -5.05
N CYS A 2 2.74 -3.85 -5.24
CA CYS A 2 2.18 -2.78 -4.42
C CYS A 2 1.60 -3.37 -3.14
N CYS A 3 1.29 -2.55 -2.14
CA CYS A 3 0.75 -3.04 -0.88
C CYS A 3 -0.77 -3.05 -1.03
N PRO A 4 -1.46 -4.16 -0.72
CA PRO A 4 -2.89 -4.31 -0.97
C PRO A 4 -3.69 -3.32 -0.12
N PHE A 5 -4.90 -2.99 -0.55
CA PHE A 5 -5.76 -2.02 0.11
C PHE A 5 -5.86 -2.32 1.61
N GLY A 6 -6.19 -3.58 1.94
CA GLY A 6 -6.14 -4.07 3.31
C GLY A 6 -4.70 -4.35 3.74
N GLY A 7 -3.86 -3.31 3.77
CA GLY A 7 -2.45 -3.45 4.09
C GLY A 7 -1.71 -2.11 3.96
N CYS A 8 -2.05 -1.32 2.94
CA CYS A 8 -1.46 -0.03 2.67
C CYS A 8 -1.50 0.88 3.90
N HIS A 9 -0.40 1.61 4.11
CA HIS A 9 -0.22 2.65 5.11
C HIS A 9 0.50 3.79 4.39
N GLU A 10 0.78 4.90 5.08
CA GLU A 10 1.46 6.06 4.51
C GLU A 10 2.80 5.70 3.87
N LEU A 11 3.46 4.66 4.38
CA LEU A 11 4.74 4.17 3.88
C LEU A 11 4.62 3.63 2.45
N CYS A 12 3.44 3.13 2.08
CA CYS A 12 3.26 2.45 0.80
C CYS A 12 3.17 3.47 -0.34
N TYR A 13 4.28 3.68 -1.04
CA TYR A 13 4.41 4.69 -2.10
C TYR A 13 3.24 4.66 -3.09
N CYS A 14 2.94 3.46 -3.59
CA CYS A 14 1.95 3.27 -4.65
C CYS A 14 0.54 3.15 -4.07
N CYS A 15 0.40 2.29 -3.07
CA CYS A 15 -0.81 1.98 -2.30
C CYS A 15 -1.99 1.50 -3.16
N ASP A 16 -2.31 0.20 -3.12
CA ASP A 16 -3.52 -0.30 -3.78
C ASP A 16 -4.75 0.44 -3.25
N VAL A 1 6.00 -5.67 -5.59
CA VAL A 1 4.57 -5.49 -5.79
C VAL A 1 4.10 -4.29 -4.98
N CYS A 2 2.90 -3.79 -5.26
CA CYS A 2 2.28 -2.75 -4.45
C CYS A 2 1.67 -3.37 -3.19
N CYS A 3 1.30 -2.57 -2.19
CA CYS A 3 0.74 -3.09 -0.95
C CYS A 3 -0.78 -3.10 -1.15
N PRO A 4 -1.46 -4.21 -0.84
CA PRO A 4 -2.88 -4.38 -1.09
C PRO A 4 -3.69 -3.39 -0.25
N PHE A 5 -4.91 -3.06 -0.70
CA PHE A 5 -5.78 -2.10 -0.04
C PHE A 5 -5.86 -2.38 1.46
N GLY A 6 -6.18 -3.63 1.82
CA GLY A 6 -6.13 -4.10 3.21
C GLY A 6 -4.68 -4.38 3.63
N GLY A 7 -3.85 -3.35 3.64
CA GLY A 7 -2.43 -3.47 3.97
C GLY A 7 -1.68 -2.15 3.81
N CYS A 8 -2.03 -1.38 2.78
CA CYS A 8 -1.47 -0.06 2.50
C CYS A 8 -1.61 0.85 3.73
N HIS A 9 -0.56 1.63 4.00
CA HIS A 9 -0.56 2.69 5.00
C HIS A 9 0.40 3.75 4.50
N GLU A 10 0.88 4.62 5.40
CA GLU A 10 1.70 5.78 5.09
C GLU A 10 2.94 5.46 4.24
N LEU A 11 3.60 4.33 4.51
CA LEU A 11 4.82 3.94 3.83
C LEU A 11 4.55 3.48 2.40
N CYS A 12 3.31 3.13 2.07
CA CYS A 12 3.00 2.46 0.83
C CYS A 12 2.91 3.45 -0.32
N TYR A 13 4.05 3.74 -0.95
CA TYR A 13 4.21 4.76 -1.99
C TYR A 13 3.10 4.71 -3.04
N CYS A 14 2.84 3.51 -3.55
CA CYS A 14 1.91 3.29 -4.65
C CYS A 14 0.47 3.14 -4.15
N CYS A 15 0.29 2.27 -3.16
CA CYS A 15 -0.95 1.92 -2.47
C CYS A 15 -2.06 1.39 -3.38
N ASP A 16 -2.35 0.09 -3.33
CA ASP A 16 -3.50 -0.47 -4.03
C ASP A 16 -4.79 0.27 -3.63
N VAL A 1 5.35 -5.07 -7.36
CA VAL A 1 4.13 -5.33 -6.61
C VAL A 1 3.67 -4.02 -5.98
N CYS A 2 2.59 -4.06 -5.20
CA CYS A 2 2.08 -2.95 -4.42
C CYS A 2 1.47 -3.52 -3.15
N CYS A 3 1.14 -2.68 -2.16
CA CYS A 3 0.60 -3.16 -0.90
C CYS A 3 -0.91 -3.07 -1.02
N PRO A 4 -1.64 -4.16 -0.73
CA PRO A 4 -3.08 -4.24 -0.95
C PRO A 4 -3.80 -3.19 -0.12
N PHE A 5 -4.98 -2.74 -0.57
CA PHE A 5 -5.85 -1.84 0.16
C PHE A 5 -5.91 -2.18 1.64
N GLY A 6 -6.25 -3.44 1.96
CA GLY A 6 -6.20 -3.94 3.32
C GLY A 6 -4.75 -4.25 3.73
N GLY A 7 -3.90 -3.23 3.78
CA GLY A 7 -2.49 -3.40 4.12
C GLY A 7 -1.68 -2.10 3.94
N CYS A 8 -2.03 -1.31 2.92
CA CYS A 8 -1.41 -0.03 2.63
C CYS A 8 -1.40 0.89 3.84
N HIS A 9 -0.30 1.63 4.03
CA HIS A 9 -0.15 2.67 5.03
C HIS A 9 0.62 3.80 4.35
N GLU A 10 1.10 4.78 5.12
CA GLU A 10 1.82 5.93 4.60
C GLU A 10 3.06 5.48 3.84
N LEU A 11 3.67 4.43 4.38
CA LEU A 11 4.87 3.81 3.85
C LEU A 11 4.66 3.28 2.43
N CYS A 12 3.41 2.92 2.08
CA CYS A 12 3.16 2.27 0.81
C CYS A 12 3.09 3.28 -0.33
N TYR A 13 4.20 3.48 -1.04
CA TYR A 13 4.34 4.49 -2.08
C TYR A 13 3.18 4.48 -3.07
N CYS A 14 2.88 3.28 -3.61
CA CYS A 14 1.90 3.11 -4.68
C CYS A 14 0.48 2.98 -4.14
N CYS A 15 0.33 2.14 -3.11
CA CYS A 15 -0.87 1.88 -2.33
C CYS A 15 -2.08 1.41 -3.16
N ASP A 16 -2.33 0.09 -3.21
CA ASP A 16 -3.58 -0.44 -3.71
C ASP A 16 -4.64 -0.32 -2.62
N VAL A 1 5.82 -5.79 -5.80
CA VAL A 1 4.42 -5.50 -6.05
C VAL A 1 4.01 -4.33 -5.16
N CYS A 2 2.84 -3.74 -5.43
CA CYS A 2 2.27 -2.70 -4.58
C CYS A 2 1.70 -3.35 -3.32
N CYS A 3 1.38 -2.56 -2.29
CA CYS A 3 0.85 -3.10 -1.04
C CYS A 3 -0.66 -3.06 -1.17
N PRO A 4 -1.37 -4.17 -0.87
CA PRO A 4 -2.80 -4.29 -1.07
C PRO A 4 -3.54 -3.27 -0.21
N PHE A 5 -4.74 -2.84 -0.63
CA PHE A 5 -5.56 -1.90 0.10
C PHE A 5 -5.67 -2.28 1.57
N GLY A 6 -6.00 -3.55 1.84
CA GLY A 6 -5.94 -4.11 3.18
C GLY A 6 -4.49 -4.40 3.58
N GLY A 7 -3.66 -3.36 3.70
CA GLY A 7 -2.25 -3.49 4.04
C GLY A 7 -1.50 -2.17 3.87
N CYS A 8 -1.88 -1.37 2.87
CA CYS A 8 -1.31 -0.07 2.59
C CYS A 8 -1.35 0.84 3.82
N HIS A 9 -0.28 1.63 4.01
CA HIS A 9 -0.16 2.66 5.02
C HIS A 9 0.56 3.82 4.36
N GLU A 10 1.00 4.81 5.14
CA GLU A 10 1.72 5.98 4.64
C GLU A 10 2.98 5.55 3.90
N LEU A 11 3.60 4.51 4.46
CA LEU A 11 4.82 3.90 3.95
C LEU A 11 4.63 3.39 2.52
N CYS A 12 3.41 3.01 2.14
CA CYS A 12 3.17 2.37 0.86
C CYS A 12 3.08 3.40 -0.26
N TYR A 13 4.21 3.66 -0.93
CA TYR A 13 4.36 4.69 -1.95
C TYR A 13 3.21 4.69 -2.96
N CYS A 14 2.95 3.51 -3.53
CA CYS A 14 1.98 3.33 -4.61
C CYS A 14 0.55 3.19 -4.08
N CYS A 15 0.40 2.30 -3.10
CA CYS A 15 -0.82 1.95 -2.37
C CYS A 15 -1.96 1.47 -3.28
N ASP A 16 -2.25 0.17 -3.28
CA ASP A 16 -3.42 -0.36 -3.98
C ASP A 16 -4.70 0.35 -3.50
N VAL A 1 5.95 -5.54 -5.86
CA VAL A 1 4.51 -5.43 -5.96
C VAL A 1 4.07 -4.22 -5.12
N CYS A 2 2.83 -3.76 -5.33
CA CYS A 2 2.24 -2.72 -4.50
C CYS A 2 1.63 -3.35 -3.24
N CYS A 3 1.27 -2.55 -2.23
CA CYS A 3 0.74 -3.08 -0.98
C CYS A 3 -0.77 -3.06 -1.11
N PRO A 4 -1.47 -4.17 -0.79
CA PRO A 4 -2.90 -4.31 -0.99
C PRO A 4 -3.66 -3.31 -0.15
N PHE A 5 -4.88 -2.94 -0.56
CA PHE A 5 -5.75 -2.01 0.13
C PHE A 5 -5.83 -2.36 1.62
N GLY A 6 -6.09 -3.63 1.93
CA GLY A 6 -6.01 -4.15 3.29
C GLY A 6 -4.55 -4.36 3.70
N GLY A 7 -3.78 -3.28 3.77
CA GLY A 7 -2.35 -3.34 4.09
C GLY A 7 -1.68 -1.97 3.92
N CYS A 8 -2.05 -1.25 2.86
CA CYS A 8 -1.51 0.07 2.53
C CYS A 8 -1.62 1.01 3.73
N HIS A 9 -0.49 1.61 4.11
CA HIS A 9 -0.38 2.66 5.12
C HIS A 9 0.45 3.77 4.49
N GLU A 10 0.84 4.79 5.26
CA GLU A 10 1.63 5.92 4.79
C GLU A 10 2.86 5.51 3.98
N LEU A 11 3.56 4.46 4.43
CA LEU A 11 4.79 4.00 3.84
C LEU A 11 4.57 3.46 2.42
N CYS A 12 3.34 3.09 2.07
CA CYS A 12 3.07 2.41 0.82
C CYS A 12 2.99 3.42 -0.33
N TYR A 13 4.13 3.70 -0.95
CA TYR A 13 4.30 4.72 -1.98
C TYR A 13 3.18 4.70 -3.02
N CYS A 14 2.89 3.51 -3.54
CA CYS A 14 1.94 3.32 -4.65
C CYS A 14 0.51 3.18 -4.14
N CYS A 15 0.33 2.30 -3.16
CA CYS A 15 -0.91 1.97 -2.44
C CYS A 15 -2.04 1.46 -3.34
N ASP A 16 -2.35 0.16 -3.26
CA ASP A 16 -3.54 -0.39 -3.93
C ASP A 16 -4.80 0.36 -3.47
N VAL A 1 5.98 -5.48 -5.87
CA VAL A 1 4.55 -5.35 -5.99
C VAL A 1 4.09 -4.17 -5.12
N CYS A 2 2.85 -3.70 -5.32
CA CYS A 2 2.26 -2.68 -4.46
C CYS A 2 1.68 -3.34 -3.21
N CYS A 3 1.32 -2.55 -2.19
CA CYS A 3 0.79 -3.10 -0.95
C CYS A 3 -0.73 -3.06 -1.08
N PRO A 4 -1.43 -4.17 -0.76
CA PRO A 4 -2.86 -4.32 -0.98
C PRO A 4 -3.64 -3.31 -0.15
N PHE A 5 -4.83 -2.92 -0.61
CA PHE A 5 -5.72 -1.98 0.05
C PHE A 5 -5.87 -2.33 1.54
N GLY A 6 -6.18 -3.60 1.82
CA GLY A 6 -6.18 -4.13 3.17
C GLY A 6 -4.75 -4.39 3.64
N GLY A 7 -3.94 -3.33 3.76
CA GLY A 7 -2.54 -3.43 4.15
C GLY A 7 -1.83 -2.08 4.05
N CYS A 8 -2.12 -1.33 2.98
CA CYS A 8 -1.54 -0.02 2.70
C CYS A 8 -1.63 0.91 3.91
N HIS A 9 -0.54 1.61 4.21
CA HIS A 9 -0.43 2.68 5.19
C HIS A 9 0.43 3.76 4.53
N GLU A 10 0.78 4.81 5.26
CA GLU A 10 1.58 5.94 4.76
C GLU A 10 2.84 5.49 4.01
N LEU A 11 3.52 4.45 4.51
CA LEU A 11 4.76 3.96 3.95
C LEU A 11 4.56 3.42 2.52
N CYS A 12 3.35 3.02 2.16
CA CYS A 12 3.08 2.37 0.90
C CYS A 12 3.00 3.40 -0.23
N TYR A 13 4.15 3.70 -0.85
CA TYR A 13 4.31 4.72 -1.87
C TYR A 13 3.18 4.73 -2.91
N CYS A 14 2.88 3.54 -3.44
CA CYS A 14 1.92 3.36 -4.53
C CYS A 14 0.50 3.22 -4.01
N CYS A 15 0.33 2.32 -3.03
CA CYS A 15 -0.90 1.97 -2.32
C CYS A 15 -2.03 1.46 -3.23
N ASP A 16 -2.31 0.16 -3.20
CA ASP A 16 -3.47 -0.38 -3.92
C ASP A 16 -4.75 0.32 -3.48
N VAL A 1 5.84 -5.71 -5.59
CA VAL A 1 4.41 -5.59 -5.78
C VAL A 1 3.96 -4.44 -4.86
N CYS A 2 2.76 -3.88 -5.13
CA CYS A 2 2.20 -2.82 -4.31
C CYS A 2 1.65 -3.41 -3.00
N CYS A 3 1.35 -2.58 -2.01
CA CYS A 3 0.85 -3.06 -0.73
C CYS A 3 -0.67 -3.09 -0.85
N PRO A 4 -1.33 -4.21 -0.51
CA PRO A 4 -2.74 -4.42 -0.77
C PRO A 4 -3.60 -3.46 0.04
N PHE A 5 -4.83 -3.21 -0.42
CA PHE A 5 -5.75 -2.26 0.18
C PHE A 5 -5.84 -2.46 1.69
N GLY A 6 -6.13 -3.70 2.11
CA GLY A 6 -6.09 -4.09 3.52
C GLY A 6 -4.65 -4.32 3.97
N GLY A 7 -3.81 -3.29 3.90
CA GLY A 7 -2.40 -3.39 4.23
C GLY A 7 -1.68 -2.05 4.09
N CYS A 8 -1.99 -1.30 3.02
CA CYS A 8 -1.40 0.01 2.75
C CYS A 8 -1.49 0.94 3.97
N HIS A 9 -0.38 1.63 4.25
CA HIS A 9 -0.26 2.72 5.20
C HIS A 9 0.53 3.81 4.49
N GLU A 10 0.86 4.91 5.19
CA GLU A 10 1.58 6.06 4.64
C GLU A 10 2.85 5.65 3.89
N LEU A 11 3.55 4.64 4.42
CA LEU A 11 4.81 4.15 3.88
C LEU A 11 4.66 3.61 2.46
N CYS A 12 3.46 3.17 2.08
CA CYS A 12 3.26 2.47 0.83
C CYS A 12 3.17 3.46 -0.33
N TYR A 13 4.28 3.67 -1.03
CA TYR A 13 4.43 4.66 -2.09
C TYR A 13 3.26 4.63 -3.09
N CYS A 14 2.94 3.43 -3.56
CA CYS A 14 1.93 3.22 -4.62
C CYS A 14 0.54 3.10 -4.03
N CYS A 15 0.40 2.24 -3.01
CA CYS A 15 -0.80 1.96 -2.22
C CYS A 15 -1.98 1.44 -3.05
N ASP A 16 -2.29 0.14 -2.97
CA ASP A 16 -3.54 -0.36 -3.54
C ASP A 16 -4.74 0.32 -2.87
N VAL A 1 5.38 -5.73 -5.70
CA VAL A 1 3.98 -5.43 -5.92
C VAL A 1 3.58 -4.28 -4.99
N CYS A 2 2.40 -3.70 -5.21
CA CYS A 2 1.88 -2.67 -4.32
C CYS A 2 1.35 -3.31 -3.03
N CYS A 3 1.07 -2.51 -2.00
CA CYS A 3 0.62 -3.04 -0.72
C CYS A 3 -0.90 -3.00 -0.78
N PRO A 4 -1.60 -4.12 -0.48
CA PRO A 4 -3.03 -4.27 -0.69
C PRO A 4 -3.79 -3.29 0.22
N PHE A 5 -5.05 -2.96 -0.13
CA PHE A 5 -5.90 -2.11 0.72
C PHE A 5 -5.78 -2.51 2.19
N GLY A 6 -5.98 -3.79 2.49
CA GLY A 6 -5.76 -4.35 3.82
C GLY A 6 -4.26 -4.53 4.08
N GLY A 7 -3.50 -3.43 4.09
CA GLY A 7 -2.05 -3.49 4.26
C GLY A 7 -1.41 -2.11 4.12
N CYS A 8 -1.87 -1.32 3.15
CA CYS A 8 -1.37 0.02 2.88
C CYS A 8 -1.41 0.89 4.13
N HIS A 9 -0.32 1.63 4.36
CA HIS A 9 -0.18 2.67 5.36
C HIS A 9 0.58 3.81 4.67
N GLU A 10 0.96 4.85 5.39
CA GLU A 10 1.71 6.00 4.87
C GLU A 10 2.93 5.58 4.05
N LEU A 11 3.65 4.55 4.52
CA LEU A 11 4.87 4.07 3.90
C LEU A 11 4.62 3.52 2.49
N CYS A 12 3.39 3.11 2.19
CA CYS A 12 3.09 2.44 0.94
C CYS A 12 2.94 3.45 -0.20
N TYR A 13 4.05 3.72 -0.89
CA TYR A 13 4.15 4.75 -1.92
C TYR A 13 2.97 4.75 -2.90
N CYS A 14 2.64 3.57 -3.40
CA CYS A 14 1.62 3.37 -4.44
C CYS A 14 0.22 3.25 -3.84
N CYS A 15 0.11 2.37 -2.83
CA CYS A 15 -1.08 2.04 -2.05
C CYS A 15 -2.26 1.52 -2.88
N ASP A 16 -2.54 0.21 -2.80
CA ASP A 16 -3.74 -0.36 -3.41
C ASP A 16 -5.00 0.23 -2.78
N VAL A 1 5.58 -4.93 -6.56
CA VAL A 1 4.13 -5.04 -6.60
C VAL A 1 3.53 -3.93 -5.74
N CYS A 2 2.21 -3.73 -5.83
CA CYS A 2 1.51 -2.76 -5.01
C CYS A 2 1.27 -3.34 -3.62
N CYS A 3 0.86 -2.52 -2.64
CA CYS A 3 0.50 -3.01 -1.32
C CYS A 3 -1.03 -2.98 -1.23
N PRO A 4 -1.68 -4.00 -0.65
CA PRO A 4 -3.13 -4.08 -0.57
C PRO A 4 -3.69 -3.01 0.37
N PHE A 5 -5.01 -2.83 0.38
CA PHE A 5 -5.71 -2.05 1.42
C PHE A 5 -5.10 -2.30 2.80
N GLY A 6 -4.95 -3.58 3.18
CA GLY A 6 -4.28 -3.99 4.41
C GLY A 6 -2.76 -3.91 4.25
N GLY A 7 -2.25 -2.72 3.95
CA GLY A 7 -0.86 -2.47 3.63
C GLY A 7 -0.64 -1.00 3.28
N CYS A 8 -1.60 -0.39 2.59
CA CYS A 8 -1.55 1.01 2.23
C CYS A 8 -1.67 1.91 3.46
N HIS A 9 -0.54 2.17 4.10
CA HIS A 9 -0.32 3.29 5.00
C HIS A 9 0.82 4.11 4.40
N GLU A 10 1.22 5.19 5.07
CA GLU A 10 2.22 6.15 4.57
C GLU A 10 3.49 5.50 4.03
N LEU A 11 3.91 4.38 4.63
CA LEU A 11 5.11 3.66 4.27
C LEU A 11 5.09 3.21 2.79
N CYS A 12 3.91 2.97 2.24
CA CYS A 12 3.72 2.39 0.92
C CYS A 12 3.41 3.46 -0.12
N TYR A 13 4.21 3.53 -1.18
CA TYR A 13 4.03 4.47 -2.27
C TYR A 13 2.83 4.10 -3.15
N CYS A 14 2.76 2.84 -3.59
CA CYS A 14 1.88 2.44 -4.68
C CYS A 14 0.39 2.52 -4.31
N CYS A 15 0.02 1.80 -3.25
CA CYS A 15 -1.28 1.80 -2.61
C CYS A 15 -2.44 1.28 -3.47
N ASP A 16 -2.83 0.04 -3.25
CA ASP A 16 -4.10 -0.53 -3.71
C ASP A 16 -5.26 0.40 -3.40
#